data_6QCB
#
_entry.id   6QCB
#
_cell.length_a   80.346
_cell.length_b   94.257
_cell.length_c   117.675
_cell.angle_alpha   90.00
_cell.angle_beta   90.00
_cell.angle_gamma   90.00
#
_symmetry.space_group_name_H-M   'C 2 2 21'
#
loop_
_entity.id
_entity.type
_entity.pdbx_description
1 polymer 'Cathepsin D'
2 polymer 'Cathepsin D'
3 branched 2-acetamido-2-deoxy-beta-D-glucopyranose-(1-4)-2-acetamido-2-deoxy-beta-D-glucopyranose
4 branched beta-D-mannopyranose-(1-4)-2-acetamido-2-deoxy-beta-D-glucopyranose-(1-4)-2-acetamido-2-deoxy-beta-D-glucopyranose
5 non-polymer 'PHOSPHITE ION'
6 non-polymer (3~{S},7~{S},8~{S})-7-oxidanyl-8-(phenylmethyl)-3-propan-2-yl-1,4,9-triazacyclohenicosane-2,5,10-trione
7 non-polymer 'DIMETHYL SULFOXIDE'
8 non-polymer 'SULFATE ION'
9 water water
#
loop_
_entity_poly.entity_id
_entity_poly.type
_entity_poly.pdbx_seq_one_letter_code
_entity_poly.pdbx_strand_id
1 'polypeptide(L)'
;GPIPEVLKNYMDAQYYGEIGIGTPPQCFTVVFDTGSSNLWVPSIHCKLLDIACWIHHKYNSDKSSTYVKNGTSFDIHYGS
GSLSGYLSQDTVSVPCQ
;
A
2 'polypeptide(L)'
;GVKVERQVFGEATKQPGITFIAAKFDGILGMAYPRISVNNVLPVFDNLMQQKLVDQNIFSFYLSRDPDAQPGGELMLGGT
DSKYYKGSLSYLNVTRKAYWQVHLDQVEVASGLTLCKEGCEAIVDTGTSLMVGPVDEVRELQKAIGAVPLIQGEYMIPCE
KVSTLPAITLKLGGKGYKLSPEDYTLKVSQAGKTLCLSGFMGMDIPPPSGPLWILGDVFIGRYYTVFDRDNNRVGFAEAA
R
;
B
#
# COMPACT_ATOMS: atom_id res chain seq x y z
N GLY A 1 14.21 3.22 -20.18
CA GLY A 1 12.73 3.34 -20.22
C GLY A 1 12.10 2.85 -18.93
N PRO A 2 10.77 2.78 -18.89
CA PRO A 2 10.13 2.37 -17.62
C PRO A 2 10.51 0.95 -17.18
N ILE A 3 10.45 0.68 -15.89
CA ILE A 3 10.90 -0.57 -15.30
C ILE A 3 9.70 -1.30 -14.70
N PRO A 4 9.32 -2.46 -15.27
CA PRO A 4 8.25 -3.24 -14.67
C PRO A 4 8.71 -4.05 -13.48
N GLU A 5 7.92 -3.99 -12.41
CA GLU A 5 8.13 -4.76 -11.19
C GLU A 5 6.88 -5.59 -10.96
N VAL A 6 6.93 -6.88 -11.31
CA VAL A 6 5.77 -7.75 -11.11
C VAL A 6 5.53 -7.97 -9.60
N LEU A 7 4.27 -8.09 -9.22
CA LEU A 7 3.82 -8.26 -7.85
C LEU A 7 3.08 -9.57 -7.73
N LYS A 8 3.21 -10.20 -6.57
CA LYS A 8 2.32 -11.27 -6.18
C LYS A 8 1.16 -10.72 -5.36
N ASN A 9 0.04 -11.47 -5.37
CA ASN A 9 -1.16 -11.17 -4.65
C ASN A 9 -1.43 -12.36 -3.73
N TYR A 10 -1.42 -12.14 -2.43
CA TYR A 10 -1.92 -13.13 -1.47
C TYR A 10 -3.30 -12.68 -0.96
N MET A 11 -4.33 -13.47 -1.35
CA MET A 11 -5.69 -13.34 -0.79
CA MET A 11 -5.69 -13.34 -0.80
C MET A 11 -6.33 -11.96 -0.91
N ASP A 12 -5.92 -11.20 -1.95
CA ASP A 12 -6.38 -9.83 -2.13
C ASP A 12 -6.04 -8.91 -0.94
N ALA A 13 -5.12 -9.34 -0.08
CA ALA A 13 -4.80 -8.58 1.13
C ALA A 13 -3.34 -8.17 1.28
N GLN A 14 -2.46 -8.79 0.49
CA GLN A 14 -1.01 -8.48 0.56
C GLN A 14 -0.50 -8.50 -0.88
N TYR A 15 0.16 -7.42 -1.31
CA TYR A 15 0.76 -7.33 -2.67
C TYR A 15 2.21 -6.97 -2.47
N TYR A 16 3.11 -7.73 -3.08
CA TYR A 16 4.51 -7.64 -2.78
C TYR A 16 5.36 -8.09 -3.96
N GLY A 17 6.53 -7.48 -4.08
CA GLY A 17 7.47 -7.82 -5.12
C GLY A 17 8.87 -7.98 -4.59
N GLU A 18 9.74 -8.51 -5.45
CA GLU A 18 11.13 -8.76 -5.07
CA GLU A 18 11.15 -8.80 -5.13
C GLU A 18 12.05 -7.62 -5.40
N ILE A 19 12.88 -7.24 -4.43
CA ILE A 19 13.94 -6.26 -4.60
C ILE A 19 15.25 -6.90 -4.14
N GLY A 20 16.34 -6.25 -4.49
CA GLY A 20 17.65 -6.62 -4.04
C GLY A 20 18.25 -5.54 -3.18
N ILE A 21 19.02 -5.94 -2.17
CA ILE A 21 19.86 -4.97 -1.47
C ILE A 21 21.27 -5.55 -1.42
N GLY A 22 22.25 -4.74 -1.79
CA GLY A 22 23.64 -5.16 -1.73
C GLY A 22 24.30 -5.53 -3.02
N THR A 23 25.62 -5.77 -2.92
CA THR A 23 26.39 -6.31 -4.03
C THR A 23 27.17 -7.57 -3.56
N PRO A 24 26.86 -8.76 -4.09
CA PRO A 24 25.77 -9.01 -5.01
C PRO A 24 24.39 -8.83 -4.31
N PRO A 25 23.32 -8.67 -5.09
CA PRO A 25 22.01 -8.44 -4.45
C PRO A 25 21.53 -9.59 -3.56
N GLN A 26 21.06 -9.22 -2.36
CA GLN A 26 20.36 -10.11 -1.45
C GLN A 26 18.87 -9.82 -1.71
N CYS A 27 18.10 -10.85 -2.00
CA CYS A 27 16.69 -10.64 -2.37
CA CYS A 27 16.70 -10.71 -2.38
C CYS A 27 15.75 -10.61 -1.17
N PHE A 28 14.79 -9.69 -1.25
CA PHE A 28 13.71 -9.52 -0.21
C PHE A 28 12.42 -9.23 -0.94
N THR A 29 11.31 -9.70 -0.37
CA THR A 29 10.02 -9.24 -0.78
C THR A 29 9.56 -8.05 0.06
N VAL A 30 8.96 -7.08 -0.61
CA VAL A 30 8.47 -5.88 0.04
C VAL A 30 7.11 -5.48 -0.48
N VAL A 31 6.34 -4.90 0.42
CA VAL A 31 5.21 -4.05 0.04
C VAL A 31 5.72 -2.72 -0.46
N PHE A 32 5.29 -2.31 -1.66
CA PHE A 32 5.55 -0.99 -2.21
C PHE A 32 4.37 -0.11 -1.74
N ASP A 33 4.65 0.67 -0.70
CA ASP A 33 3.65 1.29 0.16
C ASP A 33 3.54 2.80 -0.10
N THR A 34 2.48 3.27 -0.74
CA THR A 34 2.31 4.70 -0.99
C THR A 34 1.84 5.45 0.26
N GLY A 35 1.66 4.75 1.35
CA GLY A 35 1.29 5.33 2.67
C GLY A 35 2.44 5.51 3.66
N SER A 36 3.67 5.35 3.21
CA SER A 36 4.84 5.59 4.07
C SER A 36 6.03 5.89 3.19
N SER A 37 7.20 6.17 3.79
CA SER A 37 8.32 6.68 3.02
C SER A 37 9.68 6.08 3.32
N ASN A 38 9.71 5.05 4.16
CA ASN A 38 10.98 4.41 4.56
C ASN A 38 11.04 3.03 3.90
N LEU A 39 12.27 2.64 3.58
CA LEU A 39 12.55 1.23 3.24
C LEU A 39 13.21 0.55 4.43
N TRP A 40 12.76 -0.66 4.75
CA TRP A 40 13.43 -1.54 5.72
C TRP A 40 13.24 -2.99 5.36
N VAL A 41 14.17 -3.82 5.82
CA VAL A 41 14.09 -5.27 5.74
C VAL A 41 14.67 -5.83 7.05
N PRO A 42 14.42 -7.11 7.33
CA PRO A 42 14.97 -7.67 8.56
C PRO A 42 16.49 -7.76 8.51
N SER A 43 17.13 -7.52 9.65
CA SER A 43 18.58 -7.69 9.80
C SER A 43 18.96 -9.10 10.23
N ILE A 44 20.12 -9.58 9.81
CA ILE A 44 20.68 -10.81 10.39
C ILE A 44 20.98 -10.61 11.87
N HIS A 45 21.09 -9.35 12.29
CA HIS A 45 21.30 -8.98 13.71
C HIS A 45 20.03 -8.74 14.51
N CYS A 46 18.92 -9.23 13.97
CA CYS A 46 17.66 -9.09 14.70
CA CYS A 46 17.66 -9.16 14.67
C CYS A 46 17.74 -9.81 16.06
N LYS A 47 17.01 -9.27 17.04
CA LYS A 47 17.00 -9.89 18.37
C LYS A 47 16.34 -11.25 18.34
N LEU A 48 16.80 -12.15 19.20
CA LEU A 48 16.19 -13.48 19.31
C LEU A 48 14.70 -13.43 19.65
N LEU A 49 14.26 -12.39 20.35
CA LEU A 49 12.82 -12.13 20.68
C LEU A 49 11.95 -11.87 19.46
N ASP A 50 12.55 -11.50 18.33
CA ASP A 50 11.80 -11.11 17.11
C ASP A 50 11.43 -12.37 16.30
N ILE A 51 10.24 -12.91 16.58
CA ILE A 51 9.79 -14.17 15.98
C ILE A 51 9.63 -14.00 14.47
N ALA A 52 9.17 -12.83 14.04
CA ALA A 52 9.02 -12.61 12.60
C ALA A 52 10.31 -12.86 11.83
N CYS A 53 11.44 -12.48 12.42
CA CYS A 53 12.74 -12.60 11.78
CA CYS A 53 12.75 -12.64 11.77
C CYS A 53 13.14 -14.07 11.55
N TRP A 54 12.62 -14.98 12.39
CA TRP A 54 12.93 -16.39 12.23
C TRP A 54 12.51 -16.94 10.89
N ILE A 55 11.44 -16.37 10.30
CA ILE A 55 10.85 -16.94 9.11
C ILE A 55 10.78 -15.93 7.93
N HIS A 56 11.67 -14.95 7.97
CA HIS A 56 11.79 -13.98 6.85
C HIS A 56 13.24 -13.88 6.46
N HIS A 57 13.47 -13.36 5.25
CA HIS A 57 14.85 -13.15 4.79
C HIS A 57 15.51 -12.04 5.57
N LYS A 58 16.82 -12.20 5.81
CA LYS A 58 17.58 -11.30 6.64
C LYS A 58 18.77 -10.72 5.86
N TYR A 59 18.98 -9.42 5.99
CA TYR A 59 20.09 -8.72 5.32
C TYR A 59 21.38 -8.89 6.13
N ASN A 60 22.45 -9.26 5.42
CA ASN A 60 23.79 -9.46 6.04
C ASN A 60 24.78 -8.49 5.37
N SER A 61 25.06 -7.39 6.05
CA SER A 61 25.93 -6.34 5.54
C SER A 61 27.35 -6.86 5.23
N ASP A 62 27.76 -7.91 5.94
CA ASP A 62 29.12 -8.47 5.76
C ASP A 62 29.32 -9.05 4.38
N LYS A 63 28.25 -9.43 3.69
CA LYS A 63 28.31 -10.04 2.36
C LYS A 63 28.13 -9.06 1.22
N SER A 64 27.99 -7.78 1.54
CA SER A 64 27.83 -6.74 0.52
C SER A 64 29.04 -5.81 0.41
N SER A 65 29.58 -5.74 -0.79
CA SER A 65 30.73 -4.87 -1.06
C SER A 65 30.36 -3.38 -1.19
N THR A 66 29.07 -3.06 -1.33
CA THR A 66 28.63 -1.66 -1.43
C THR A 66 28.01 -1.13 -0.13
N TYR A 67 27.88 -1.99 0.89
CA TYR A 67 27.40 -1.54 2.22
C TYR A 67 28.26 -0.43 2.78
N VAL A 68 27.61 0.61 3.29
CA VAL A 68 28.23 1.67 4.07
C VAL A 68 27.49 1.77 5.40
N LYS A 69 28.21 1.69 6.51
CA LYS A 69 27.64 1.77 7.83
C LYS A 69 26.95 3.12 8.09
N ASN A 70 25.84 3.08 8.84
CA ASN A 70 25.23 4.25 9.37
C ASN A 70 25.10 4.01 10.88
N GLY A 71 24.16 3.14 11.27
CA GLY A 71 24.00 2.75 12.67
C GLY A 71 23.05 3.55 13.53
N THR A 72 22.49 4.65 13.00
CA THR A 72 21.51 5.46 13.73
C THR A 72 20.26 4.61 14.01
N SER A 73 19.76 4.67 15.24
CA SER A 73 18.51 3.98 15.60
CA SER A 73 18.51 3.97 15.60
C SER A 73 17.31 4.58 14.87
N PHE A 74 16.34 3.72 14.54
CA PHE A 74 15.05 4.17 14.00
C PHE A 74 13.93 3.33 14.62
N ASP A 75 12.75 3.93 14.65
CA ASP A 75 11.53 3.31 15.17
C ASP A 75 10.42 3.81 14.24
N ILE A 76 9.61 2.90 13.72
CA ILE A 76 8.51 3.29 12.82
C ILE A 76 7.23 2.70 13.35
N HIS A 77 6.21 3.54 13.42
CA HIS A 77 4.88 3.15 13.89
C HIS A 77 3.87 3.30 12.77
N TYR A 78 3.35 2.15 12.32
CA TYR A 78 2.30 2.10 11.31
C TYR A 78 0.94 1.95 11.97
N GLY A 79 -0.13 2.09 11.21
CA GLY A 79 -1.46 1.73 11.74
C GLY A 79 -1.57 0.29 12.22
N SER A 80 -0.92 -0.66 11.52
CA SER A 80 -1.04 -2.09 11.83
CA SER A 80 -1.07 -2.07 11.85
C SER A 80 0.03 -2.67 12.73
N GLY A 81 1.03 -1.89 13.09
CA GLY A 81 2.12 -2.41 13.90
C GLY A 81 3.35 -1.53 13.80
N SER A 82 4.41 -1.93 14.53
CA SER A 82 5.61 -1.13 14.73
CA SER A 82 5.61 -1.12 14.60
C SER A 82 6.85 -1.98 14.56
N LEU A 83 8.00 -1.31 14.40
CA LEU A 83 9.30 -1.98 14.41
C LEU A 83 10.39 -0.98 14.73
N SER A 84 11.57 -1.52 15.05
CA SER A 84 12.74 -0.69 15.25
C SER A 84 13.98 -1.41 14.81
N GLY A 85 15.04 -0.63 14.66
CA GLY A 85 16.34 -1.17 14.30
C GLY A 85 17.36 -0.08 14.13
N TYR A 86 18.24 -0.27 13.16
CA TYR A 86 19.25 0.74 12.84
C TYR A 86 19.39 0.92 11.34
N LEU A 87 19.87 2.11 10.94
CA LEU A 87 20.00 2.45 9.52
C LEU A 87 21.31 1.95 8.92
N SER A 88 21.27 1.68 7.63
CA SER A 88 22.44 1.31 6.84
C SER A 88 22.28 1.89 5.46
N GLN A 89 23.33 1.80 4.64
CA GLN A 89 23.30 2.34 3.28
C GLN A 89 23.81 1.28 2.31
N ASP A 90 23.12 1.10 1.19
CA ASP A 90 23.51 0.11 0.19
C ASP A 90 22.82 0.42 -1.13
N THR A 91 23.17 -0.34 -2.18
CA THR A 91 22.51 -0.24 -3.46
C THR A 91 21.25 -1.11 -3.44
N VAL A 92 20.14 -0.53 -3.91
CA VAL A 92 18.87 -1.22 -3.99
C VAL A 92 18.56 -1.51 -5.45
N SER A 93 18.28 -2.76 -5.76
CA SER A 93 17.97 -3.22 -7.12
C SER A 93 16.47 -3.50 -7.25
N VAL A 94 15.83 -3.01 -8.29
CA VAL A 94 14.44 -3.33 -8.59
C VAL A 94 14.37 -3.75 -10.06
N PRO A 95 13.92 -4.96 -10.37
CA PRO A 95 13.72 -6.07 -9.47
C PRO A 95 15.04 -6.55 -8.89
N CYS A 96 14.98 -7.62 -8.09
CA CYS A 96 16.20 -8.19 -7.52
CA CYS A 96 16.20 -8.19 -7.54
C CYS A 96 17.19 -8.64 -8.61
N GLN A 97 16.69 -9.34 -9.62
CA GLN A 97 17.53 -9.95 -10.69
C GLN A 97 17.28 -9.27 -12.04
N GLY B 1 16.05 -3.70 -15.36
CA GLY B 1 15.96 -3.20 -13.95
C GLY B 1 16.67 -1.90 -13.68
N VAL B 2 16.68 -1.48 -12.43
CA VAL B 2 17.30 -0.26 -11.99
C VAL B 2 18.12 -0.54 -10.72
N LYS B 3 19.24 0.17 -10.55
CA LYS B 3 20.05 0.13 -9.34
C LYS B 3 20.12 1.51 -8.76
N VAL B 4 19.51 1.71 -7.60
CA VAL B 4 19.51 2.96 -6.89
C VAL B 4 20.68 2.92 -5.92
N GLU B 5 21.69 3.75 -6.15
CA GLU B 5 22.88 3.75 -5.34
C GLU B 5 22.69 4.54 -4.08
N ARG B 6 23.48 4.22 -3.05
CA ARG B 6 23.57 5.02 -1.85
C ARG B 6 22.22 5.24 -1.13
N GLN B 7 21.40 4.18 -1.14
CA GLN B 7 20.09 4.24 -0.47
C GLN B 7 20.21 3.95 1.01
N VAL B 8 19.74 4.86 1.85
CA VAL B 8 19.68 4.62 3.27
C VAL B 8 18.37 3.83 3.58
N PHE B 9 18.48 2.81 4.42
CA PHE B 9 17.34 1.94 4.74
C PHE B 9 17.49 1.40 6.14
N GLY B 10 16.38 0.88 6.67
CA GLY B 10 16.38 0.26 7.97
C GLY B 10 16.69 -1.23 7.97
N GLU B 11 17.58 -1.64 8.89
CA GLU B 11 17.82 -3.04 9.25
C GLU B 11 16.97 -3.30 10.50
N ALA B 12 15.83 -3.99 10.37
CA ALA B 12 14.95 -4.20 11.50
C ALA B 12 15.52 -5.22 12.46
N THR B 13 15.51 -4.90 13.76
CA THR B 13 15.93 -5.82 14.79
C THR B 13 14.89 -6.17 15.84
N LYS B 14 13.82 -5.38 15.96
CA LYS B 14 12.67 -5.69 16.80
C LYS B 14 11.40 -5.47 16.02
N GLN B 15 10.46 -6.42 16.15
CA GLN B 15 9.16 -6.31 15.49
C GLN B 15 8.13 -6.83 16.50
N PRO B 16 7.68 -5.97 17.43
CA PRO B 16 6.79 -6.44 18.48
C PRO B 16 5.38 -6.79 17.94
N GLY B 17 4.63 -7.58 18.69
CA GLY B 17 3.29 -7.98 18.25
C GLY B 17 3.36 -9.02 17.14
N ILE B 18 2.27 -9.15 16.38
CA ILE B 18 2.13 -10.26 15.47
C ILE B 18 2.04 -9.83 13.98
N THR B 19 1.99 -8.52 13.73
CA THR B 19 1.81 -7.99 12.39
C THR B 19 2.67 -8.67 11.34
N PHE B 20 3.96 -8.81 11.65
CA PHE B 20 4.89 -9.22 10.63
C PHE B 20 5.16 -10.71 10.60
N ILE B 21 4.60 -11.46 11.55
CA ILE B 21 4.93 -12.87 11.66
C ILE B 21 4.45 -13.66 10.50
N ALA B 22 3.17 -13.59 10.18
CA ALA B 22 2.65 -14.50 9.16
C ALA B 22 2.60 -13.81 7.80
N ALA B 23 3.04 -12.54 7.76
CA ALA B 23 3.08 -11.74 6.49
C ALA B 23 3.91 -12.43 5.44
N LYS B 24 3.49 -12.36 4.19
CA LYS B 24 4.17 -13.00 3.08
C LYS B 24 5.43 -12.23 2.68
N PHE B 25 5.51 -10.96 3.07
CA PHE B 25 6.59 -10.09 2.65
C PHE B 25 7.61 -9.94 3.78
N ASP B 26 8.86 -9.68 3.41
CA ASP B 26 9.94 -9.40 4.36
C ASP B 26 9.95 -7.99 4.92
N GLY B 27 9.64 -7.01 4.08
CA GLY B 27 9.75 -5.61 4.49
C GLY B 27 8.84 -4.68 3.71
N ILE B 28 9.08 -3.37 3.85
CA ILE B 28 8.21 -2.36 3.27
C ILE B 28 9.13 -1.36 2.56
N LEU B 29 8.72 -0.95 1.36
CA LEU B 29 9.41 0.10 0.62
C LEU B 29 8.41 1.22 0.41
N GLY B 30 8.57 2.27 1.23
CA GLY B 30 7.68 3.41 1.21
C GLY B 30 7.86 4.31 -0.01
N MET B 31 6.77 4.70 -0.62
CA MET B 31 6.74 5.55 -1.83
C MET B 31 5.95 6.87 -1.71
N ALA B 32 5.72 7.33 -0.48
CA ALA B 32 5.10 8.63 -0.21
C ALA B 32 6.20 9.72 -0.20
N TYR B 33 5.82 10.92 0.27
CA TYR B 33 6.72 12.07 0.16
C TYR B 33 7.74 12.07 1.28
N PRO B 34 8.87 12.76 1.07
CA PRO B 34 9.88 12.79 2.12
C PRO B 34 9.41 13.38 3.48
N ARG B 35 8.39 14.25 3.47
CA ARG B 35 7.83 14.83 4.70
C ARG B 35 7.51 13.81 5.78
N ILE B 36 7.04 12.59 5.40
CA ILE B 36 6.69 11.59 6.40
C ILE B 36 7.71 10.43 6.56
N SER B 37 8.92 10.63 6.04
CA SER B 37 10.00 9.70 6.26
C SER B 37 10.57 9.84 7.66
N VAL B 38 10.61 8.72 8.38
CA VAL B 38 11.17 8.65 9.73
C VAL B 38 12.68 8.86 9.62
N ASN B 39 13.22 9.64 10.54
CA ASN B 39 14.63 10.08 10.51
C ASN B 39 14.99 10.92 9.27
N ASN B 40 13.99 11.45 8.56
CA ASN B 40 14.18 12.24 7.37
C ASN B 40 15.10 11.55 6.35
N VAL B 41 14.96 10.24 6.20
CA VAL B 41 15.75 9.50 5.24
C VAL B 41 15.20 9.72 3.84
N LEU B 42 16.07 10.07 2.89
CA LEU B 42 15.63 10.29 1.53
C LEU B 42 15.07 8.99 0.94
N PRO B 43 13.78 9.02 0.53
CA PRO B 43 13.13 7.75 0.03
C PRO B 43 13.71 7.20 -1.23
N VAL B 44 13.42 5.93 -1.49
CA VAL B 44 13.88 5.27 -2.68
C VAL B 44 13.53 6.00 -3.98
N PHE B 45 12.27 6.36 -4.16
CA PHE B 45 11.90 6.98 -5.45
C PHE B 45 12.54 8.37 -5.58
N ASP B 46 12.73 9.07 -4.45
CA ASP B 46 13.43 10.35 -4.47
C ASP B 46 14.88 10.22 -4.91
N ASN B 47 15.54 9.22 -4.39
CA ASN B 47 16.93 8.89 -4.78
CA ASN B 47 16.93 8.91 -4.83
C ASN B 47 16.98 8.49 -6.27
N LEU B 48 16.01 7.67 -6.69
CA LEU B 48 15.87 7.31 -8.09
C LEU B 48 15.73 8.55 -9.01
N MET B 49 14.89 9.50 -8.61
CA MET B 49 14.72 10.75 -9.38
C MET B 49 16.02 11.56 -9.43
N GLN B 50 16.68 11.71 -8.30
CA GLN B 50 17.93 12.49 -8.26
CA GLN B 50 17.95 12.46 -8.18
C GLN B 50 19.03 11.87 -9.11
N GLN B 51 19.05 10.54 -9.19
CA GLN B 51 20.00 9.81 -10.04
C GLN B 51 19.59 9.68 -11.52
N LYS B 52 18.43 10.26 -11.90
CA LYS B 52 17.93 10.32 -13.27
C LYS B 52 17.79 8.98 -13.90
N LEU B 53 17.27 8.02 -13.13
CA LEU B 53 17.19 6.65 -13.54
C LEU B 53 15.89 6.36 -14.28
N VAL B 54 14.95 7.31 -14.25
CA VAL B 54 13.77 7.30 -15.15
C VAL B 54 13.60 8.65 -15.83
N ASP B 55 12.94 8.66 -16.98
CA ASP B 55 12.66 9.91 -17.71
C ASP B 55 11.42 10.61 -17.17
N GLN B 56 10.39 9.84 -16.78
CA GLN B 56 9.21 10.45 -16.20
C GLN B 56 9.18 10.07 -14.71
N ASN B 57 9.01 11.06 -13.85
CA ASN B 57 9.04 10.83 -12.43
C ASN B 57 7.63 10.50 -11.94
N ILE B 58 7.15 9.37 -12.43
CA ILE B 58 5.84 8.83 -12.09
C ILE B 58 6.00 7.33 -11.88
N PHE B 59 5.04 6.74 -11.17
CA PHE B 59 4.99 5.29 -11.01
C PHE B 59 3.55 4.86 -10.88
N SER B 60 3.26 3.62 -11.27
CA SER B 60 1.87 3.20 -11.44
C SER B 60 1.64 1.78 -10.94
N PHE B 61 0.43 1.52 -10.44
CA PHE B 61 0.05 0.22 -9.91
C PHE B 61 -1.16 -0.35 -10.62
N TYR B 62 -1.02 -1.62 -11.03
CA TYR B 62 -2.10 -2.53 -11.29
C TYR B 62 -2.13 -3.56 -10.18
N LEU B 63 -3.29 -3.77 -9.58
CA LEU B 63 -3.50 -4.79 -8.56
C LEU B 63 -4.62 -5.70 -9.00
N SER B 64 -4.33 -6.98 -9.20
CA SER B 64 -5.36 -7.94 -9.54
CA SER B 64 -5.36 -7.97 -9.53
C SER B 64 -6.27 -8.17 -8.35
N ARG B 65 -7.58 -8.31 -8.60
CA ARG B 65 -8.54 -8.57 -7.53
C ARG B 65 -9.15 -10.00 -7.53
N ASP B 66 -8.64 -10.81 -8.45
CA ASP B 66 -8.80 -12.26 -8.41
C ASP B 66 -7.58 -12.82 -7.70
N PRO B 67 -7.78 -13.35 -6.46
CA PRO B 67 -6.61 -13.72 -5.68
C PRO B 67 -5.74 -14.82 -6.28
N ASP B 68 -6.27 -15.56 -7.26
CA ASP B 68 -5.51 -16.60 -7.96
C ASP B 68 -4.91 -16.20 -9.30
N ALA B 69 -5.17 -14.96 -9.73
CA ALA B 69 -4.66 -14.50 -11.01
C ALA B 69 -3.15 -14.34 -11.04
N GLN B 70 -2.57 -14.57 -12.22
CA GLN B 70 -1.17 -14.38 -12.48
C GLN B 70 -1.12 -13.45 -13.67
N PRO B 71 -0.41 -12.32 -13.59
CA PRO B 71 0.33 -11.84 -12.39
C PRO B 71 -0.58 -11.28 -11.32
N GLY B 72 -0.08 -11.24 -10.07
CA GLY B 72 -0.82 -10.62 -8.99
C GLY B 72 -0.99 -9.12 -9.10
N GLY B 73 -0.06 -8.47 -9.78
CA GLY B 73 -0.10 -7.03 -9.96
C GLY B 73 1.16 -6.62 -10.68
N GLU B 74 1.31 -5.31 -10.88
CA GLU B 74 2.54 -4.73 -11.44
C GLU B 74 2.69 -3.30 -10.98
N LEU B 75 3.89 -2.99 -10.49
CA LEU B 75 4.32 -1.64 -10.26
C LEU B 75 5.21 -1.26 -11.45
N MET B 76 4.85 -0.19 -12.13
CA MET B 76 5.70 0.31 -13.23
C MET B 76 6.42 1.56 -12.76
N LEU B 77 7.75 1.49 -12.66
CA LEU B 77 8.54 2.65 -12.27
C LEU B 77 8.87 3.48 -13.49
N GLY B 78 8.47 4.75 -13.45
CA GLY B 78 8.80 5.67 -14.57
C GLY B 78 7.86 5.65 -15.76
N GLY B 79 6.68 5.03 -15.61
CA GLY B 79 5.68 5.03 -16.66
C GLY B 79 4.37 4.44 -16.23
N THR B 80 3.50 4.24 -17.21
CA THR B 80 2.19 3.59 -17.06
C THR B 80 2.21 2.37 -17.97
N ASP B 81 1.29 1.44 -17.73
CA ASP B 81 1.29 0.19 -18.47
C ASP B 81 -0.10 -0.04 -19.03
N SER B 82 -0.25 0.28 -20.33
CA SER B 82 -1.52 0.12 -21.07
C SER B 82 -2.11 -1.28 -21.09
N LYS B 83 -1.30 -2.30 -20.80
CA LYS B 83 -1.83 -3.64 -20.68
C LYS B 83 -2.93 -3.75 -19.64
N TYR B 84 -2.90 -2.86 -18.62
CA TYR B 84 -3.71 -3.05 -17.43
C TYR B 84 -4.77 -2.02 -17.19
N TYR B 85 -4.97 -1.14 -18.16
CA TYR B 85 -6.11 -0.25 -18.02
C TYR B 85 -6.72 0.02 -19.34
N LYS B 86 -7.99 0.42 -19.31
CA LYS B 86 -8.74 0.81 -20.48
C LYS B 86 -9.06 2.30 -20.35
N GLY B 87 -9.08 2.96 -21.51
CA GLY B 87 -9.54 4.33 -21.58
C GLY B 87 -8.48 5.30 -21.13
N SER B 88 -8.91 6.53 -20.79
CA SER B 88 -7.95 7.59 -20.46
C SER B 88 -7.85 7.78 -18.92
N LEU B 89 -6.72 8.33 -18.53
CA LEU B 89 -6.47 8.69 -17.13
C LEU B 89 -7.17 9.99 -16.79
N SER B 90 -7.76 10.05 -15.59
CA SER B 90 -8.28 11.29 -15.02
C SER B 90 -7.48 11.64 -13.78
N TYR B 91 -7.12 12.90 -13.62
CA TYR B 91 -6.19 13.35 -12.58
C TYR B 91 -6.79 14.24 -11.52
N LEU B 92 -6.20 14.14 -10.31
CA LEU B 92 -6.59 14.93 -9.13
CA LEU B 92 -6.59 14.88 -9.11
C LEU B 92 -5.29 15.44 -8.56
N ASN B 93 -5.26 16.72 -8.17
CA ASN B 93 -4.09 17.25 -7.53
C ASN B 93 -3.93 16.74 -6.12
N VAL B 94 -2.67 16.57 -5.71
CA VAL B 94 -2.33 16.23 -4.34
C VAL B 94 -2.60 17.49 -3.51
N THR B 95 -3.22 17.34 -2.34
N THR B 95 -3.32 17.35 -2.42
CA THR B 95 -3.57 18.51 -1.47
CA THR B 95 -3.57 18.48 -1.53
C THR B 95 -2.69 18.80 -0.27
C THR B 95 -2.29 18.60 -0.65
N ARG B 96 -2.13 17.76 0.34
CA ARG B 96 -1.04 17.87 1.30
C ARG B 96 0.03 16.88 0.82
N LYS B 97 1.23 17.38 0.48
CA LYS B 97 2.33 16.52 0.02
C LYS B 97 3.03 15.85 1.17
N ALA B 98 2.50 14.71 1.60
CA ALA B 98 3.05 14.00 2.72
C ALA B 98 2.66 12.55 2.46
N TYR B 99 1.43 12.15 2.78
CA TYR B 99 0.81 11.01 2.09
C TYR B 99 0.48 11.45 0.66
N TRP B 100 0.00 10.51 -0.17
CA TRP B 100 -0.62 10.87 -1.44
C TRP B 100 -2.07 11.22 -1.17
N GLN B 101 -2.26 12.48 -0.76
CA GLN B 101 -3.54 12.95 -0.26
C GLN B 101 -4.25 13.76 -1.30
N VAL B 102 -5.53 13.49 -1.47
CA VAL B 102 -6.40 14.18 -2.44
C VAL B 102 -7.74 14.54 -1.81
N HIS B 103 -8.49 15.44 -2.46
CA HIS B 103 -9.84 15.76 -1.98
C HIS B 103 -10.85 14.76 -2.51
N LEU B 104 -11.69 14.25 -1.61
CA LEU B 104 -12.82 13.38 -1.92
C LEU B 104 -14.08 14.19 -1.82
N ASP B 105 -14.88 14.19 -2.88
CA ASP B 105 -16.06 15.06 -2.94
C ASP B 105 -17.24 14.50 -2.15
N GLN B 106 -17.43 13.18 -2.18
CA GLN B 106 -18.50 12.50 -1.47
C GLN B 106 -18.40 10.98 -1.65
N VAL B 107 -19.10 10.26 -0.76
CA VAL B 107 -19.23 8.83 -0.85
C VAL B 107 -20.74 8.54 -0.86
N GLU B 108 -21.23 7.84 -1.88
CA GLU B 108 -22.69 7.60 -2.03
C GLU B 108 -23.04 6.13 -2.15
N VAL B 109 -23.87 5.62 -1.23
CA VAL B 109 -24.41 4.27 -1.33
C VAL B 109 -25.63 4.41 -2.30
N ALA B 110 -25.76 3.49 -3.27
CA ALA B 110 -26.82 3.63 -4.31
C ALA B 110 -28.23 3.79 -3.73
N SER B 111 -28.46 3.18 -2.59
CA SER B 111 -29.80 3.24 -1.95
C SER B 111 -30.10 4.59 -1.23
N GLY B 112 -29.12 5.48 -1.18
CA GLY B 112 -29.36 6.86 -0.82
C GLY B 112 -28.45 7.49 0.21
N LEU B 113 -27.80 6.67 1.03
CA LEU B 113 -26.95 7.24 2.12
C LEU B 113 -25.74 7.94 1.51
N THR B 114 -25.50 9.19 1.89
CA THR B 114 -24.32 9.92 1.46
CA THR B 114 -24.31 9.92 1.47
C THR B 114 -23.42 10.20 2.68
N LEU B 115 -22.14 9.90 2.53
CA LEU B 115 -21.09 10.14 3.54
CA LEU B 115 -21.13 10.18 3.54
C LEU B 115 -20.15 11.18 2.94
N CYS B 116 -19.36 11.82 3.78
CA CYS B 116 -18.43 12.84 3.29
C CYS B 116 -19.23 13.88 2.49
N LYS B 117 -20.35 14.33 3.06
CA LYS B 117 -21.38 15.04 2.27
C LYS B 117 -20.95 16.36 1.67
N GLU B 118 -20.07 17.08 2.34
CA GLU B 118 -19.58 18.36 1.86
C GLU B 118 -18.10 18.25 1.50
N GLY B 119 -17.61 17.05 1.18
CA GLY B 119 -16.19 16.91 0.86
C GLY B 119 -15.32 16.62 2.07
N CYS B 120 -14.18 15.95 1.81
CA CYS B 120 -13.28 15.53 2.87
C CYS B 120 -11.93 15.19 2.23
N GLU B 121 -10.99 14.75 3.02
CA GLU B 121 -9.64 14.44 2.54
C GLU B 121 -9.47 12.93 2.61
N ALA B 122 -8.71 12.40 1.66
CA ALA B 122 -8.45 10.97 1.57
C ALA B 122 -7.02 10.77 1.11
N ILE B 123 -6.43 9.62 1.47
CA ILE B 123 -5.13 9.26 0.95
C ILE B 123 -5.25 8.00 0.09
N VAL B 124 -4.34 7.89 -0.87
CA VAL B 124 -4.36 6.80 -1.83
C VAL B 124 -3.20 5.90 -1.39
N ASP B 125 -3.54 4.73 -0.81
CA ASP B 125 -2.58 3.93 -0.07
C ASP B 125 -2.61 2.48 -0.54
N THR B 126 -1.59 2.14 -1.32
CA THR B 126 -1.40 0.74 -1.74
C THR B 126 -1.14 -0.21 -0.55
N GLY B 127 -0.61 0.33 0.56
CA GLY B 127 -0.29 -0.44 1.72
C GLY B 127 -1.42 -0.64 2.73
N THR B 128 -2.65 -0.28 2.36
CA THR B 128 -3.84 -0.61 3.16
C THR B 128 -4.75 -1.49 2.27
N SER B 129 -5.15 -2.65 2.77
CA SER B 129 -5.94 -3.59 1.97
CA SER B 129 -5.96 -3.60 2.02
C SER B 129 -7.37 -3.05 1.73
N LEU B 130 -7.98 -2.49 2.75
CA LEU B 130 -9.38 -2.06 2.72
C LEU B 130 -9.53 -0.58 2.50
N MET B 131 -10.74 -0.19 2.15
CA MET B 131 -11.14 1.20 2.25
C MET B 131 -11.24 1.52 3.74
N VAL B 132 -10.93 2.76 4.14
CA VAL B 132 -11.04 3.16 5.53
C VAL B 132 -11.78 4.49 5.57
N GLY B 133 -12.69 4.60 6.53
CA GLY B 133 -13.33 5.88 6.79
C GLY B 133 -13.56 6.04 8.27
N PRO B 134 -14.03 7.24 8.66
CA PRO B 134 -14.33 7.47 10.06
C PRO B 134 -15.31 6.46 10.65
N VAL B 135 -15.12 6.13 11.93
CA VAL B 135 -15.88 5.05 12.59
C VAL B 135 -17.38 5.29 12.46
N ASP B 136 -17.85 6.50 12.77
CA ASP B 136 -19.31 6.71 12.78
C ASP B 136 -19.91 6.63 11.36
N GLU B 137 -19.22 7.21 10.38
CA GLU B 137 -19.73 7.17 8.99
C GLU B 137 -19.71 5.74 8.45
N VAL B 138 -18.64 5.01 8.70
CA VAL B 138 -18.57 3.59 8.26
C VAL B 138 -19.66 2.74 8.93
N ARG B 139 -19.93 2.99 10.20
CA ARG B 139 -21.01 2.27 10.88
C ARG B 139 -22.33 2.46 10.08
N GLU B 140 -22.62 3.69 9.68
CA GLU B 140 -23.84 3.98 8.92
C GLU B 140 -23.84 3.24 7.57
N LEU B 141 -22.69 3.26 6.91
CA LEU B 141 -22.52 2.56 5.63
C LEU B 141 -22.81 1.08 5.78
N GLN B 142 -22.27 0.46 6.83
CA GLN B 142 -22.39 -0.95 7.02
C GLN B 142 -23.84 -1.34 7.32
N LYS B 143 -24.51 -0.49 8.10
CA LYS B 143 -25.95 -0.70 8.38
C LYS B 143 -26.74 -0.61 7.06
N ALA B 144 -26.38 0.33 6.18
CA ALA B 144 -27.07 0.45 4.87
C ALA B 144 -26.96 -0.79 4.00
N ILE B 145 -25.84 -1.49 4.06
CA ILE B 145 -25.67 -2.68 3.23
C ILE B 145 -25.98 -4.00 3.94
N GLY B 146 -26.22 -3.98 5.25
CA GLY B 146 -26.55 -5.18 5.99
C GLY B 146 -25.36 -5.98 6.48
N ALA B 147 -24.22 -5.31 6.62
CA ALA B 147 -23.04 -5.95 7.19
C ALA B 147 -23.12 -5.89 8.71
N VAL B 148 -22.37 -6.77 9.38
CA VAL B 148 -22.37 -6.84 10.85
C VAL B 148 -20.96 -6.78 11.37
N PRO B 149 -20.76 -6.19 12.56
CA PRO B 149 -19.38 -6.08 13.06
C PRO B 149 -18.65 -7.39 13.36
N LEU B 150 -17.38 -7.42 13.00
CA LEU B 150 -16.47 -8.53 13.31
C LEU B 150 -15.64 -8.06 14.55
N ILE B 151 -14.52 -7.38 14.33
CA ILE B 151 -13.61 -6.92 15.37
C ILE B 151 -12.82 -5.76 14.82
N GLN B 152 -12.34 -4.88 15.70
CA GLN B 152 -11.45 -3.77 15.33
C GLN B 152 -11.84 -2.99 14.05
N GLY B 153 -13.13 -2.68 13.97
CA GLY B 153 -13.65 -1.81 12.90
C GLY B 153 -13.93 -2.51 11.57
N GLU B 154 -13.78 -3.84 11.54
CA GLU B 154 -14.11 -4.67 10.37
C GLU B 154 -15.51 -5.23 10.53
N TYR B 155 -16.11 -5.55 9.39
CA TYR B 155 -17.47 -6.04 9.30
C TYR B 155 -17.56 -7.14 8.27
N MET B 156 -18.51 -8.07 8.45
CA MET B 156 -18.77 -9.20 7.55
CA MET B 156 -18.74 -9.14 7.45
C MET B 156 -20.16 -9.11 6.94
N ILE B 157 -20.32 -9.71 5.77
CA ILE B 157 -21.60 -9.76 5.07
C ILE B 157 -21.84 -11.21 4.64
N PRO B 158 -23.05 -11.73 4.85
CA PRO B 158 -23.33 -13.09 4.39
C PRO B 158 -23.04 -13.22 2.92
N CYS B 159 -22.27 -14.24 2.54
CA CYS B 159 -21.79 -14.33 1.17
C CYS B 159 -22.96 -14.40 0.16
N GLU B 160 -24.06 -15.02 0.58
CA GLU B 160 -25.21 -15.18 -0.32
C GLU B 160 -25.96 -13.85 -0.57
N LYS B 161 -25.70 -12.83 0.27
CA LYS B 161 -26.26 -11.48 0.09
C LYS B 161 -25.45 -10.54 -0.79
N VAL B 162 -24.21 -10.88 -1.11
CA VAL B 162 -23.31 -9.95 -1.80
C VAL B 162 -23.90 -9.49 -3.13
N SER B 163 -24.39 -10.43 -3.92
CA SER B 163 -24.78 -10.10 -5.28
C SER B 163 -25.94 -9.09 -5.34
N THR B 164 -26.73 -8.93 -4.27
CA THR B 164 -27.84 -7.99 -4.22
C THR B 164 -27.59 -6.69 -3.41
N LEU B 165 -26.33 -6.48 -3.00
CA LEU B 165 -25.99 -5.24 -2.30
C LEU B 165 -25.98 -4.05 -3.25
N PRO B 166 -26.15 -2.84 -2.71
CA PRO B 166 -26.09 -1.66 -3.56
C PRO B 166 -24.64 -1.36 -3.95
N ALA B 167 -24.48 -0.74 -5.10
CA ALA B 167 -23.18 -0.14 -5.47
C ALA B 167 -22.81 1.05 -4.55
N ILE B 168 -21.50 1.30 -4.39
CA ILE B 168 -21.02 2.45 -3.66
C ILE B 168 -20.13 3.27 -4.59
N THR B 169 -20.38 4.57 -4.70
CA THR B 169 -19.66 5.44 -5.64
C THR B 169 -18.90 6.54 -4.89
N LEU B 170 -17.61 6.65 -5.17
CA LEU B 170 -16.80 7.76 -4.65
C LEU B 170 -16.72 8.82 -5.71
N LYS B 171 -16.92 10.07 -5.33
CA LYS B 171 -16.80 11.19 -6.27
C LYS B 171 -15.50 11.89 -6.05
N LEU B 172 -14.64 11.85 -7.07
CA LEU B 172 -13.30 12.42 -7.04
C LEU B 172 -13.13 13.29 -8.29
N GLY B 173 -12.75 14.56 -8.09
CA GLY B 173 -12.57 15.50 -9.22
C GLY B 173 -13.84 15.67 -10.02
N GLY B 174 -14.98 15.55 -9.36
CA GLY B 174 -16.30 15.69 -9.99
C GLY B 174 -16.75 14.50 -10.85
N LYS B 175 -15.98 13.41 -10.85
CA LYS B 175 -16.36 12.20 -11.57
C LYS B 175 -16.68 11.06 -10.58
N GLY B 176 -17.59 10.17 -10.97
CA GLY B 176 -18.02 9.03 -10.14
C GLY B 176 -17.13 7.82 -10.42
N TYR B 177 -16.66 7.19 -9.33
CA TYR B 177 -15.90 5.93 -9.38
C TYR B 177 -16.75 4.92 -8.64
N LYS B 178 -17.46 4.11 -9.41
CA LYS B 178 -18.32 3.08 -8.83
C LYS B 178 -17.52 1.87 -8.35
N LEU B 179 -17.94 1.33 -7.19
CA LEU B 179 -17.53 0.01 -6.73
C LEU B 179 -18.78 -0.86 -6.66
N SER B 180 -18.75 -1.96 -7.40
CA SER B 180 -19.77 -2.97 -7.25
C SER B 180 -19.60 -3.71 -5.94
N PRO B 181 -20.63 -4.46 -5.50
CA PRO B 181 -20.50 -5.30 -4.31
C PRO B 181 -19.35 -6.31 -4.43
N GLU B 182 -19.14 -6.86 -5.62
CA GLU B 182 -17.99 -7.74 -5.89
C GLU B 182 -16.68 -6.98 -5.73
N ASP B 183 -16.64 -5.71 -6.16
CA ASP B 183 -15.42 -4.90 -5.96
C ASP B 183 -15.16 -4.59 -4.49
N TYR B 184 -16.20 -4.31 -3.70
CA TYR B 184 -15.95 -3.82 -2.32
C TYR B 184 -16.07 -4.88 -1.25
N THR B 185 -16.24 -6.14 -1.65
CA THR B 185 -16.21 -7.23 -0.68
C THR B 185 -15.09 -8.20 -1.07
N LEU B 186 -14.57 -8.90 -0.06
CA LEU B 186 -13.43 -9.81 -0.26
C LEU B 186 -13.76 -11.15 0.30
N LYS B 187 -13.30 -12.21 -0.36
CA LYS B 187 -13.33 -13.54 0.27
C LYS B 187 -12.19 -13.70 1.25
N VAL B 188 -12.49 -14.30 2.41
CA VAL B 188 -11.48 -14.59 3.39
C VAL B 188 -11.68 -16.08 3.75
N SER B 189 -10.58 -16.77 4.02
CA SER B 189 -10.58 -18.19 4.31
C SER B 189 -9.74 -18.38 5.53
N GLN B 190 -10.27 -19.18 6.46
CA GLN B 190 -9.47 -19.71 7.58
C GLN B 190 -10.03 -21.11 7.93
N ALA B 191 -9.13 -22.08 8.04
CA ALA B 191 -9.48 -23.41 8.56
C ALA B 191 -10.63 -24.05 7.77
N GLY B 192 -10.56 -23.90 6.43
CA GLY B 192 -11.50 -24.53 5.53
C GLY B 192 -12.85 -23.87 5.36
N LYS B 193 -13.07 -22.73 6.00
CA LYS B 193 -14.32 -21.95 5.96
CA LYS B 193 -14.35 -22.05 5.79
C LYS B 193 -14.13 -20.74 5.05
N THR B 194 -15.19 -20.29 4.39
CA THR B 194 -15.14 -19.06 3.57
C THR B 194 -16.14 -18.07 4.12
N LEU B 195 -15.70 -16.82 4.29
CA LEU B 195 -16.57 -15.74 4.63
C LEU B 195 -16.30 -14.57 3.68
N CYS B 196 -17.20 -13.60 3.73
CA CYS B 196 -17.15 -12.37 2.91
C CYS B 196 -16.97 -11.17 3.80
N LEU B 197 -15.79 -10.54 3.67
CA LEU B 197 -15.41 -9.37 4.43
C LEU B 197 -15.92 -8.10 3.72
N SER B 198 -16.56 -7.18 4.45
CA SER B 198 -16.87 -5.85 3.92
C SER B 198 -15.56 -5.11 3.69
N GLY B 199 -15.44 -4.51 2.54
CA GLY B 199 -14.20 -3.85 2.19
C GLY B 199 -14.06 -2.44 2.73
N PHE B 200 -14.96 -1.99 3.61
CA PHE B 200 -14.79 -0.73 4.34
C PHE B 200 -14.54 -1.03 5.80
N MET B 201 -13.53 -0.41 6.37
CA MET B 201 -13.17 -0.54 7.79
C MET B 201 -13.30 0.85 8.43
N GLY B 202 -13.82 0.88 9.68
CA GLY B 202 -13.97 2.11 10.44
C GLY B 202 -12.72 2.33 11.30
N MET B 203 -12.08 3.50 11.17
CA MET B 203 -10.92 3.87 11.98
CA MET B 203 -10.90 3.87 11.96
C MET B 203 -10.86 5.39 12.01
N ASP B 204 -10.74 5.95 13.21
CA ASP B 204 -10.59 7.38 13.35
C ASP B 204 -9.11 7.74 13.41
N ILE B 205 -8.67 8.53 12.47
CA ILE B 205 -7.30 9.00 12.42
C ILE B 205 -7.33 10.41 13.03
N PRO B 206 -6.63 10.61 14.14
CA PRO B 206 -6.80 11.93 14.78
C PRO B 206 -6.11 13.08 14.04
N PRO B 207 -6.57 14.32 14.31
CA PRO B 207 -5.75 15.44 13.94
C PRO B 207 -4.37 15.36 14.57
N PRO B 208 -3.34 15.96 13.95
CA PRO B 208 -3.47 16.89 12.80
C PRO B 208 -3.52 16.22 11.42
N SER B 209 -3.13 14.95 11.31
CA SER B 209 -3.16 14.29 9.99
C SER B 209 -4.56 13.97 9.53
N GLY B 210 -5.39 13.54 10.47
CA GLY B 210 -6.74 13.20 10.19
C GLY B 210 -7.75 14.28 10.53
N PRO B 211 -9.02 14.02 10.27
CA PRO B 211 -9.52 12.73 9.76
C PRO B 211 -9.21 12.52 8.28
N LEU B 212 -9.07 11.24 7.90
CA LEU B 212 -8.75 10.87 6.51
C LEU B 212 -9.49 9.61 6.15
N TRP B 213 -10.15 9.58 4.99
CA TRP B 213 -10.53 8.32 4.34
C TRP B 213 -9.27 7.76 3.67
N ILE B 214 -9.28 6.44 3.43
CA ILE B 214 -8.19 5.73 2.74
C ILE B 214 -8.76 4.99 1.53
N LEU B 215 -8.23 5.30 0.35
CA LEU B 215 -8.51 4.53 -0.87
C LEU B 215 -7.42 3.48 -0.89
N GLY B 216 -7.75 2.27 -0.43
CA GLY B 216 -6.85 1.16 -0.33
C GLY B 216 -6.88 0.25 -1.56
N ASP B 217 -6.44 -0.99 -1.37
CA ASP B 217 -6.37 -1.96 -2.49
C ASP B 217 -7.72 -2.25 -3.13
N VAL B 218 -8.81 -2.22 -2.34
CA VAL B 218 -10.17 -2.34 -2.90
C VAL B 218 -10.36 -1.35 -4.07
N PHE B 219 -9.92 -0.14 -3.87
CA PHE B 219 -10.15 0.90 -4.90
C PHE B 219 -9.13 0.82 -6.02
N ILE B 220 -7.87 0.68 -5.66
CA ILE B 220 -6.77 0.69 -6.63
C ILE B 220 -6.89 -0.54 -7.54
N GLY B 221 -7.45 -1.62 -7.00
CA GLY B 221 -7.74 -2.81 -7.78
C GLY B 221 -8.67 -2.59 -8.94
N ARG B 222 -9.71 -1.78 -8.72
CA ARG B 222 -10.71 -1.45 -9.76
C ARG B 222 -10.20 -0.33 -10.65
N TYR B 223 -9.39 0.55 -10.08
CA TYR B 223 -8.93 1.77 -10.76
C TYR B 223 -7.43 1.83 -10.74
N TYR B 224 -6.84 1.44 -11.86
CA TYR B 224 -5.40 1.53 -12.11
C TYR B 224 -4.93 2.94 -11.72
N THR B 225 -3.85 3.01 -10.96
CA THR B 225 -3.44 4.26 -10.30
C THR B 225 -2.08 4.69 -10.66
N VAL B 226 -1.96 5.97 -11.04
CA VAL B 226 -0.69 6.63 -11.36
C VAL B 226 -0.36 7.68 -10.32
N PHE B 227 0.87 7.60 -9.79
CA PHE B 227 1.37 8.53 -8.82
C PHE B 227 2.45 9.39 -9.51
N ASP B 228 2.21 10.71 -9.59
CA ASP B 228 3.03 11.61 -10.43
C ASP B 228 3.70 12.66 -9.55
N ARG B 229 5.01 12.51 -9.35
CA ARG B 229 5.83 13.47 -8.58
C ARG B 229 6.28 14.70 -9.40
N ASP B 230 6.26 14.62 -10.72
CA ASP B 230 6.56 15.84 -11.54
C ASP B 230 5.47 16.90 -11.41
N ASN B 231 4.22 16.47 -11.36
CA ASN B 231 3.08 17.34 -11.35
C ASN B 231 2.26 17.26 -10.05
N ASN B 232 2.72 16.46 -9.08
CA ASN B 232 2.03 16.32 -7.79
C ASN B 232 0.54 16.03 -7.93
N ARG B 233 0.25 14.92 -8.62
CA ARG B 233 -1.09 14.52 -8.92
C ARG B 233 -1.20 12.99 -8.90
N VAL B 234 -2.42 12.52 -8.80
CA VAL B 234 -2.77 11.12 -8.86
C VAL B 234 -3.72 10.96 -10.06
N GLY B 235 -3.49 9.91 -10.86
CA GLY B 235 -4.33 9.55 -11.98
C GLY B 235 -5.03 8.21 -11.77
N PHE B 236 -6.27 8.11 -12.23
CA PHE B 236 -7.04 6.89 -12.20
C PHE B 236 -7.56 6.55 -13.57
N ALA B 237 -7.55 5.26 -13.92
CA ALA B 237 -8.27 4.74 -15.08
C ALA B 237 -8.88 3.40 -14.70
N GLU B 238 -9.95 2.99 -15.38
CA GLU B 238 -10.55 1.70 -15.13
CA GLU B 238 -10.55 1.71 -15.11
C GLU B 238 -9.52 0.61 -15.41
N ALA B 239 -9.25 -0.25 -14.43
CA ALA B 239 -8.36 -1.36 -14.65
C ALA B 239 -8.98 -2.43 -15.58
N ALA B 240 -8.09 -3.21 -16.20
CA ALA B 240 -8.50 -4.31 -17.09
C ALA B 240 -9.49 -5.21 -16.37
N ARG B 241 -10.66 -5.40 -16.95
CA ARG B 241 -11.67 -6.30 -16.39
C ARG B 241 -12.51 -6.81 -17.55
#